data_9BTN
#
_entry.id   9BTN
#
_cell.length_a   38.764
_cell.length_b   69.567
_cell.length_c   200.349
_cell.angle_alpha   90.000
_cell.angle_beta   90.000
_cell.angle_gamma   90.000
#
_symmetry.space_group_name_H-M   'P 21 21 21'
#
loop_
_entity.id
_entity.type
_entity.pdbx_description
1 polymer 'Leucine-rich repeat protein SHOC-2'
2 polymer 'cyclic peptide'
3 non-polymer GLYCEROL
4 water water
#
loop_
_entity_poly.entity_id
_entity_poly.type
_entity_poly.pdbx_seq_one_letter_code
_entity_poly.pdbx_strand_id
1 'polypeptide(L)'
;GPGTRKKSSNAEVIKELNKCREENSMRLDLSKRSIHILPSSIKELTQLTELYLYSNKLQSLPAEVGCLVNLMTLALSENS
LTSLPDSLDNLKKLRMLDLRHNKLREIPSVVYRLDSLTTLYLRFNRITTVEKDIKNLSKLSMLSIRENKIKQLPAEIGEL
CNLITLDVAHNQLEHLPKEIGNCTQITNLDLQHNELLDLPDTIGNLSSLSRLGLRYNRLSAIPRSLAKCSALEELNLENN
NISTLPESLLSSLVKLNSLTLARNCFQLYPVGGPSQFSTIYSLNMEHNRINKIPFGIFSRAKVLSKLNMKDNQLTSLPLD
FGTWTSMVELNLATNQLTKIPEDVSGLVSLEVLILSNNLLKKLPHGLGNLRKLRELDLEENKLESLPNEIAYLKDLQKLV
LTNNQLTTLPRGIGHLTNLTHLGLGENLLTHLPEEIGTLENLEELYLNDNPNLHSLPFELALCSKLSIMSIENCPLSHLP
PQIVAGGPSFIIQFLKMQGPYRAMV
;
A
2 'polypeptide(L)' FKDWYGEIWFDGV(CCS)(NH2) L
#
# COMPACT_ATOMS: atom_id res chain seq x y z
N SER A 8 -31.37 -20.97 5.60
CA SER A 8 -32.42 -21.65 4.86
C SER A 8 -32.57 -23.11 5.27
N SER A 9 -33.82 -23.53 5.44
CA SER A 9 -34.12 -24.94 5.69
C SER A 9 -34.04 -25.73 4.39
N ASN A 10 -34.06 -27.05 4.53
CA ASN A 10 -34.05 -27.91 3.33
C ASN A 10 -35.26 -27.62 2.47
N ALA A 11 -36.43 -27.41 3.08
CA ALA A 11 -37.64 -27.14 2.32
C ALA A 11 -37.54 -25.83 1.56
N GLU A 12 -36.98 -24.79 2.19
CA GLU A 12 -36.84 -23.50 1.50
C GLU A 12 -35.89 -23.61 0.32
N VAL A 13 -34.83 -24.42 0.46
CA VAL A 13 -33.94 -24.66 -0.67
C VAL A 13 -34.70 -25.35 -1.80
N ILE A 14 -35.52 -26.35 -1.46
CA ILE A 14 -36.30 -27.06 -2.47
C ILE A 14 -37.30 -26.12 -3.13
N LYS A 15 -37.88 -25.20 -2.35
CA LYS A 15 -38.78 -24.21 -2.94
C LYS A 15 -38.05 -23.35 -3.96
N GLU A 16 -36.80 -22.99 -3.69
CA GLU A 16 -36.03 -22.21 -4.64
C GLU A 16 -35.72 -23.00 -5.90
N LEU A 17 -35.36 -24.28 -5.74
CA LEU A 17 -35.14 -25.14 -6.90
C LEU A 17 -36.40 -25.23 -7.75
N ASN A 18 -37.55 -25.48 -7.11
CA ASN A 18 -38.80 -25.58 -7.85
C ASN A 18 -39.11 -24.29 -8.59
N LYS A 19 -38.93 -23.14 -7.94
CA LYS A 19 -39.13 -21.87 -8.64
C LYS A 19 -38.19 -21.77 -9.84
N CYS A 20 -36.93 -22.16 -9.65
CA CYS A 20 -35.98 -22.13 -10.75
C CYS A 20 -36.44 -23.01 -11.91
N ARG A 21 -37.01 -24.17 -11.60
CA ARG A 21 -37.50 -25.06 -12.66
C ARG A 21 -38.71 -24.46 -13.35
N GLU A 22 -39.69 -23.99 -12.58
CA GLU A 22 -40.93 -23.49 -13.16
C GLU A 22 -40.67 -22.30 -14.08
N GLU A 23 -39.75 -21.43 -13.68
CA GLU A 23 -39.43 -20.24 -14.46
C GLU A 23 -38.33 -20.50 -15.48
N ASN A 24 -37.81 -21.72 -15.57
CA ASN A 24 -36.76 -22.07 -16.52
C ASN A 24 -35.57 -21.11 -16.42
N SER A 25 -35.32 -20.62 -15.20
CA SER A 25 -34.24 -19.66 -15.00
C SER A 25 -32.89 -20.29 -15.31
N MET A 26 -32.02 -19.51 -15.95
CA MET A 26 -30.68 -19.97 -16.25
C MET A 26 -29.69 -19.66 -15.14
N ARG A 27 -30.11 -18.93 -14.11
CA ARG A 27 -29.27 -18.57 -12.98
C ARG A 27 -29.91 -19.08 -11.70
N LEU A 28 -29.13 -19.78 -10.88
CA LEU A 28 -29.58 -20.26 -9.58
C LEU A 28 -28.64 -19.71 -8.52
N ASP A 29 -29.17 -18.87 -7.64
CA ASP A 29 -28.40 -18.22 -6.58
C ASP A 29 -28.89 -18.76 -5.24
N LEU A 30 -28.09 -19.63 -4.62
CA LEU A 30 -28.37 -20.13 -3.27
C LEU A 30 -27.31 -19.69 -2.26
N SER A 31 -26.61 -18.58 -2.52
CA SER A 31 -25.53 -18.15 -1.64
C SER A 31 -26.07 -17.55 -0.35
N LYS A 32 -25.25 -17.60 0.70
CA LYS A 32 -25.55 -16.91 1.96
C LYS A 32 -26.83 -17.43 2.58
N ARG A 33 -26.93 -18.76 2.71
CA ARG A 33 -28.11 -19.41 3.28
C ARG A 33 -27.80 -20.43 4.36
N SER A 34 -26.54 -20.59 4.76
CA SER A 34 -26.17 -21.56 5.80
C SER A 34 -26.60 -22.97 5.42
N ILE A 35 -26.51 -23.28 4.13
CA ILE A 35 -26.93 -24.59 3.64
C ILE A 35 -25.91 -25.64 4.03
N HIS A 36 -26.39 -26.73 4.64
CA HIS A 36 -25.53 -27.86 4.96
C HIS A 36 -25.52 -28.91 3.86
N ILE A 37 -26.63 -29.05 3.14
CA ILE A 37 -26.80 -30.12 2.16
C ILE A 37 -27.45 -29.53 0.91
N LEU A 38 -26.85 -29.81 -0.25
CA LEU A 38 -27.48 -29.48 -1.52
C LEU A 38 -28.25 -30.70 -2.00
N PRO A 39 -29.59 -30.65 -2.05
CA PRO A 39 -30.36 -31.85 -2.38
C PRO A 39 -30.06 -32.34 -3.79
N SER A 40 -30.05 -33.65 -3.95
CA SER A 40 -29.82 -34.27 -5.25
C SER A 40 -30.86 -33.86 -6.28
N SER A 41 -31.97 -33.25 -5.84
CA SER A 41 -33.01 -32.78 -6.75
C SER A 41 -32.50 -31.72 -7.73
N ILE A 42 -31.31 -31.16 -7.49
CA ILE A 42 -30.73 -30.18 -8.41
C ILE A 42 -30.54 -30.74 -9.81
N LYS A 43 -30.60 -32.07 -9.96
CA LYS A 43 -30.34 -32.70 -11.26
C LYS A 43 -31.34 -32.28 -12.34
N GLU A 44 -32.56 -31.89 -11.95
CA GLU A 44 -33.57 -31.52 -12.94
C GLU A 44 -33.32 -30.15 -13.57
N LEU A 45 -32.43 -29.33 -13.01
CA LEU A 45 -32.22 -27.97 -13.50
C LEU A 45 -31.13 -27.94 -14.57
N THR A 46 -31.39 -28.69 -15.65
CA THR A 46 -30.39 -28.84 -16.71
C THR A 46 -30.19 -27.57 -17.53
N GLN A 47 -31.11 -26.61 -17.44
CA GLN A 47 -30.97 -25.37 -18.21
C GLN A 47 -30.04 -24.36 -17.54
N LEU A 48 -29.53 -24.65 -16.35
CA LEU A 48 -28.71 -23.68 -15.63
C LEU A 48 -27.37 -23.45 -16.33
N THR A 49 -26.99 -22.18 -16.45
CA THR A 49 -25.65 -21.80 -16.88
C THR A 49 -24.84 -21.14 -15.78
N GLU A 50 -25.46 -20.72 -14.68
CA GLU A 50 -24.76 -20.07 -13.58
C GLU A 50 -25.34 -20.59 -12.27
N LEU A 51 -24.48 -21.13 -11.42
CA LEU A 51 -24.88 -21.71 -10.14
C LEU A 51 -24.02 -21.08 -9.05
N TYR A 52 -24.65 -20.32 -8.16
CA TYR A 52 -23.96 -19.61 -7.08
C TYR A 52 -24.31 -20.25 -5.75
N LEU A 53 -23.30 -20.79 -5.07
CA LEU A 53 -23.49 -21.47 -3.79
C LEU A 53 -22.52 -20.97 -2.72
N TYR A 54 -21.93 -19.79 -2.93
CA TYR A 54 -20.90 -19.30 -2.01
C TYR A 54 -21.50 -18.88 -0.67
N SER A 55 -20.67 -18.93 0.36
CA SER A 55 -21.05 -18.56 1.72
C SER A 55 -22.18 -19.45 2.23
N ASN A 56 -21.86 -20.75 2.33
CA ASN A 56 -22.77 -21.73 2.90
C ASN A 56 -21.95 -22.63 3.82
N LYS A 57 -22.49 -23.80 4.15
CA LYS A 57 -21.81 -24.75 5.03
C LYS A 57 -21.65 -26.10 4.36
N LEU A 58 -21.51 -26.10 3.03
CA LEU A 58 -21.37 -27.35 2.29
C LEU A 58 -20.05 -28.01 2.61
N GLN A 59 -20.10 -29.29 3.00
CA GLN A 59 -18.90 -30.09 3.18
C GLN A 59 -18.70 -31.09 2.06
N SER A 60 -19.62 -31.15 1.10
CA SER A 60 -19.49 -32.01 -0.06
C SER A 60 -20.51 -31.58 -1.09
N LEU A 61 -20.17 -31.78 -2.37
CA LEU A 61 -21.04 -31.43 -3.47
C LEU A 61 -21.64 -32.69 -4.07
N PRO A 62 -22.96 -32.74 -4.25
CA PRO A 62 -23.58 -33.96 -4.80
C PRO A 62 -23.15 -34.20 -6.23
N ALA A 63 -22.96 -35.48 -6.58
CA ALA A 63 -22.57 -35.84 -7.93
C ALA A 63 -23.60 -35.40 -8.97
N GLU A 64 -24.84 -35.17 -8.56
CA GLU A 64 -25.87 -34.73 -9.49
C GLU A 64 -25.54 -33.38 -10.12
N VAL A 65 -24.62 -32.62 -9.54
CA VAL A 65 -24.22 -31.35 -10.15
C VAL A 65 -23.62 -31.59 -11.52
N GLY A 66 -23.04 -32.77 -11.75
CA GLY A 66 -22.52 -33.10 -13.07
C GLY A 66 -23.58 -33.20 -14.15
N CYS A 67 -24.86 -33.30 -13.76
CA CYS A 67 -25.94 -33.33 -14.72
C CYS A 67 -26.26 -31.95 -15.31
N LEU A 68 -25.71 -30.89 -14.72
CA LEU A 68 -25.95 -29.52 -15.21
C LEU A 68 -24.95 -29.21 -16.32
N VAL A 69 -25.13 -29.92 -17.45
CA VAL A 69 -24.15 -29.91 -18.53
C VAL A 69 -23.98 -28.53 -19.15
N ASN A 70 -24.93 -27.62 -18.94
CA ASN A 70 -24.87 -26.29 -19.52
C ASN A 70 -24.18 -25.28 -18.61
N LEU A 71 -23.74 -25.69 -17.42
CA LEU A 71 -23.10 -24.76 -16.49
C LEU A 71 -21.89 -24.09 -17.14
N MET A 72 -21.83 -22.77 -17.02
CA MET A 72 -20.66 -22.00 -17.42
C MET A 72 -19.96 -21.33 -16.24
N THR A 73 -20.67 -21.13 -15.14
CA THR A 73 -20.12 -20.50 -13.94
C THR A 73 -20.54 -21.30 -12.72
N LEU A 74 -19.57 -21.68 -11.88
CA LEU A 74 -19.83 -22.41 -10.65
C LEU A 74 -19.01 -21.78 -9.54
N ALA A 75 -19.68 -21.10 -8.62
CA ALA A 75 -19.03 -20.41 -7.51
C ALA A 75 -19.32 -21.17 -6.22
N LEU A 76 -18.28 -21.77 -5.65
CA LEU A 76 -18.37 -22.53 -4.41
C LEU A 76 -17.64 -21.85 -3.26
N SER A 77 -17.35 -20.56 -3.40
CA SER A 77 -16.54 -19.83 -2.43
C SER A 77 -17.16 -19.91 -1.03
N GLU A 78 -16.28 -19.96 -0.03
CA GLU A 78 -16.66 -19.89 1.38
C GLU A 78 -17.62 -21.03 1.74
N ASN A 79 -17.07 -22.24 1.66
CA ASN A 79 -17.71 -23.45 2.16
C ASN A 79 -16.63 -24.26 2.86
N SER A 80 -16.94 -25.53 3.14
CA SER A 80 -16.00 -26.43 3.80
C SER A 80 -15.67 -27.62 2.90
N LEU A 81 -15.58 -27.37 1.60
CA LEU A 81 -15.32 -28.44 0.65
C LEU A 81 -13.87 -28.92 0.75
N THR A 82 -13.69 -30.23 0.66
CA THR A 82 -12.37 -30.84 0.60
C THR A 82 -12.14 -31.60 -0.70
N SER A 83 -13.15 -31.69 -1.56
CA SER A 83 -13.08 -32.51 -2.76
C SER A 83 -14.25 -32.13 -3.66
N LEU A 84 -14.26 -32.72 -4.86
CA LEU A 84 -15.32 -32.51 -5.83
C LEU A 84 -15.65 -33.84 -6.49
N PRO A 85 -16.92 -34.07 -6.81
CA PRO A 85 -17.29 -35.35 -7.43
C PRO A 85 -16.71 -35.46 -8.84
N ASP A 86 -16.31 -36.68 -9.20
CA ASP A 86 -15.76 -36.92 -10.53
C ASP A 86 -16.78 -36.65 -11.63
N SER A 87 -18.07 -36.60 -11.28
CA SER A 87 -19.11 -36.35 -12.27
C SER A 87 -19.01 -34.97 -12.90
N LEU A 88 -18.24 -34.05 -12.31
CA LEU A 88 -18.06 -32.74 -12.91
C LEU A 88 -17.35 -32.81 -14.26
N ASP A 89 -16.81 -33.98 -14.62
CA ASP A 89 -16.28 -34.20 -15.97
C ASP A 89 -17.27 -33.76 -17.03
N ASN A 90 -18.56 -33.94 -16.77
CA ASN A 90 -19.59 -33.72 -17.79
C ASN A 90 -19.89 -32.25 -18.04
N LEU A 91 -19.29 -31.34 -17.26
CA LEU A 91 -19.49 -29.91 -17.47
C LEU A 91 -18.49 -29.41 -18.51
N LYS A 92 -18.75 -29.82 -19.76
CA LYS A 92 -17.85 -29.50 -20.87
C LYS A 92 -17.86 -28.01 -21.23
N LYS A 93 -18.74 -27.22 -20.65
CA LYS A 93 -18.82 -25.79 -20.96
C LYS A 93 -18.41 -24.90 -19.79
N LEU A 94 -17.93 -25.47 -18.70
CA LEU A 94 -17.61 -24.67 -17.53
C LEU A 94 -16.47 -23.71 -17.84
N ARG A 95 -16.71 -22.42 -17.59
CA ARG A 95 -15.72 -21.39 -17.87
C ARG A 95 -15.07 -20.82 -16.61
N MET A 96 -15.85 -20.60 -15.55
CA MET A 96 -15.35 -20.02 -14.32
C MET A 96 -15.69 -20.96 -13.16
N LEU A 97 -14.68 -21.30 -12.37
CA LEU A 97 -14.85 -22.11 -11.16
C LEU A 97 -14.13 -21.41 -10.02
N ASP A 98 -14.86 -21.11 -8.94
CA ASP A 98 -14.31 -20.41 -7.80
C ASP A 98 -14.40 -21.31 -6.59
N LEU A 99 -13.25 -21.75 -6.08
CA LEU A 99 -13.17 -22.62 -4.91
C LEU A 99 -12.47 -21.93 -3.74
N ARG A 100 -12.42 -20.60 -3.74
CA ARG A 100 -11.72 -19.88 -2.68
C ARG A 100 -12.39 -20.15 -1.34
N HIS A 101 -11.59 -20.02 -0.28
CA HIS A 101 -12.09 -20.11 1.10
C HIS A 101 -12.84 -21.42 1.35
N ASN A 102 -12.17 -22.52 1.05
CA ASN A 102 -12.67 -23.84 1.42
C ASN A 102 -11.65 -24.54 2.31
N LYS A 103 -11.56 -25.86 2.21
CA LYS A 103 -10.63 -26.64 3.03
C LYS A 103 -9.84 -27.59 2.17
N LEU A 104 -9.54 -27.17 0.93
CA LEU A 104 -8.80 -28.00 0.00
C LEU A 104 -7.35 -28.17 0.46
N ARG A 105 -6.91 -29.42 0.56
CA ARG A 105 -5.50 -29.73 0.73
C ARG A 105 -4.83 -30.01 -0.60
N GLU A 106 -5.58 -29.93 -1.69
CA GLU A 106 -5.10 -30.23 -3.04
C GLU A 106 -6.09 -29.66 -4.02
N ILE A 107 -5.66 -29.55 -5.27
CA ILE A 107 -6.60 -29.24 -6.35
C ILE A 107 -7.39 -30.51 -6.64
N PRO A 108 -8.72 -30.48 -6.53
CA PRO A 108 -9.49 -31.71 -6.77
C PRO A 108 -9.13 -32.34 -8.10
N SER A 109 -9.02 -33.68 -8.09
CA SER A 109 -8.56 -34.40 -9.28
C SER A 109 -9.37 -34.03 -10.51
N VAL A 110 -10.69 -33.86 -10.36
CA VAL A 110 -11.55 -33.60 -11.50
C VAL A 110 -11.29 -32.22 -12.11
N VAL A 111 -10.75 -31.28 -11.34
CA VAL A 111 -10.52 -29.94 -11.87
C VAL A 111 -9.52 -29.98 -13.02
N TYR A 112 -8.49 -30.83 -12.89
CA TYR A 112 -7.49 -30.94 -13.95
C TYR A 112 -8.08 -31.43 -15.26
N ARG A 113 -9.30 -31.98 -15.24
CA ARG A 113 -9.96 -32.46 -16.45
C ARG A 113 -11.00 -31.48 -16.98
N LEU A 114 -11.14 -30.31 -16.37
CA LEU A 114 -12.08 -29.29 -16.83
C LEU A 114 -11.37 -28.34 -17.79
N ASP A 115 -10.98 -28.89 -18.94
CA ASP A 115 -10.14 -28.16 -19.89
C ASP A 115 -10.88 -27.05 -20.62
N SER A 116 -12.16 -26.82 -20.33
CA SER A 116 -12.87 -25.66 -20.86
C SER A 116 -12.71 -24.42 -19.98
N LEU A 117 -12.06 -24.55 -18.82
CA LEU A 117 -11.97 -23.46 -17.88
C LEU A 117 -11.09 -22.33 -18.41
N THR A 118 -11.56 -21.09 -18.25
CA THR A 118 -10.76 -19.91 -18.53
C THR A 118 -10.48 -19.09 -17.27
N THR A 119 -11.10 -19.41 -16.15
CA THR A 119 -10.93 -18.65 -14.91
C THR A 119 -11.05 -19.61 -13.74
N LEU A 120 -10.02 -19.66 -12.89
CA LEU A 120 -9.98 -20.59 -11.77
C LEU A 120 -9.44 -19.88 -10.55
N TYR A 121 -10.25 -19.83 -9.49
CA TYR A 121 -9.87 -19.22 -8.21
C TYR A 121 -9.71 -20.30 -7.16
N LEU A 122 -8.50 -20.44 -6.62
CA LEU A 122 -8.21 -21.39 -5.55
C LEU A 122 -7.72 -20.68 -4.30
N ARG A 123 -7.99 -19.38 -4.19
CA ARG A 123 -7.38 -18.55 -3.16
C ARG A 123 -7.81 -18.98 -1.76
N PHE A 124 -6.84 -18.98 -0.84
CA PHE A 124 -7.08 -19.22 0.58
C PHE A 124 -7.60 -20.63 0.83
N ASN A 125 -6.76 -21.61 0.50
CA ASN A 125 -6.97 -23.00 0.88
C ASN A 125 -5.68 -23.50 1.51
N ARG A 126 -5.49 -24.81 1.54
CA ARG A 126 -4.27 -25.41 2.06
C ARG A 126 -3.58 -26.29 1.00
N ILE A 127 -3.71 -25.90 -0.27
CA ILE A 127 -3.09 -26.64 -1.36
C ILE A 127 -1.58 -26.58 -1.23
N THR A 128 -0.92 -27.71 -1.49
CA THR A 128 0.53 -27.78 -1.44
C THR A 128 1.19 -28.14 -2.76
N THR A 129 0.45 -28.68 -3.73
CA THR A 129 1.03 -29.14 -4.98
C THR A 129 0.18 -28.69 -6.16
N VAL A 130 0.85 -28.30 -7.24
CA VAL A 130 0.23 -28.05 -8.53
C VAL A 130 0.72 -29.14 -9.48
N GLU A 131 -0.16 -30.09 -9.77
CA GLU A 131 0.22 -31.27 -10.55
C GLU A 131 0.60 -30.89 -11.98
N LYS A 132 1.37 -31.78 -12.62
CA LYS A 132 1.73 -31.58 -14.01
C LYS A 132 0.49 -31.45 -14.89
N ASP A 133 -0.64 -32.03 -14.46
CA ASP A 133 -1.86 -32.06 -15.25
C ASP A 133 -2.45 -30.67 -15.44
N ILE A 134 -1.90 -29.67 -14.74
CA ILE A 134 -2.32 -28.30 -14.98
C ILE A 134 -2.24 -27.97 -16.47
N LYS A 135 -1.38 -28.66 -17.23
CA LYS A 135 -1.27 -28.35 -18.67
C LYS A 135 -2.59 -28.57 -19.40
N ASN A 136 -3.46 -29.44 -18.88
CA ASN A 136 -4.73 -29.72 -19.54
C ASN A 136 -5.64 -28.51 -19.56
N LEU A 137 -5.44 -27.54 -18.66
CA LEU A 137 -6.26 -26.34 -18.60
C LEU A 137 -5.64 -25.25 -19.47
N SER A 138 -5.45 -25.57 -20.75
CA SER A 138 -4.75 -24.70 -21.68
C SER A 138 -5.53 -23.44 -22.03
N LYS A 139 -6.80 -23.35 -21.66
CA LYS A 139 -7.60 -22.16 -21.91
C LYS A 139 -7.59 -21.18 -20.75
N LEU A 140 -6.81 -21.45 -19.72
CA LEU A 140 -6.78 -20.57 -18.55
C LEU A 140 -6.19 -19.22 -18.92
N SER A 141 -6.98 -18.16 -18.71
CA SER A 141 -6.48 -16.79 -18.82
C SER A 141 -6.32 -16.11 -17.46
N MET A 142 -7.06 -16.56 -16.44
CA MET A 142 -6.90 -16.05 -15.08
C MET A 142 -6.78 -17.23 -14.12
N LEU A 143 -5.68 -17.29 -13.39
CA LEU A 143 -5.44 -18.33 -12.40
C LEU A 143 -5.01 -17.69 -11.10
N SER A 144 -5.71 -18.02 -10.01
CA SER A 144 -5.41 -17.49 -8.69
C SER A 144 -5.22 -18.64 -7.73
N ILE A 145 -4.01 -18.78 -7.20
CA ILE A 145 -3.72 -19.76 -6.15
C ILE A 145 -3.18 -19.01 -4.94
N ARG A 146 -3.62 -17.77 -4.77
CA ARG A 146 -3.12 -16.94 -3.68
C ARG A 146 -3.43 -17.56 -2.33
N GLU A 147 -2.51 -17.38 -1.38
CA GLU A 147 -2.68 -17.83 0.01
C GLU A 147 -2.96 -19.33 0.07
N ASN A 148 -1.92 -20.09 -0.29
CA ASN A 148 -1.92 -21.53 -0.11
C ASN A 148 -0.59 -21.99 0.47
N LYS A 149 -0.19 -23.22 0.18
CA LYS A 149 1.06 -23.76 0.68
C LYS A 149 1.96 -24.28 -0.44
N ILE A 150 1.81 -23.74 -1.66
CA ILE A 150 2.51 -24.29 -2.81
C ILE A 150 3.98 -23.92 -2.74
N LYS A 151 4.84 -24.93 -2.86
CA LYS A 151 6.29 -24.73 -2.78
C LYS A 151 6.99 -24.80 -4.12
N GLN A 152 6.29 -25.17 -5.19
CA GLN A 152 6.91 -25.27 -6.50
C GLN A 152 5.83 -25.26 -7.57
N LEU A 153 6.17 -24.71 -8.73
CA LEU A 153 5.29 -24.76 -9.89
C LEU A 153 5.86 -25.71 -10.92
N PRO A 154 5.06 -26.59 -11.50
CA PRO A 154 5.58 -27.51 -12.51
C PRO A 154 5.96 -26.78 -13.78
N ALA A 155 6.94 -27.33 -14.49
CA ALA A 155 7.32 -26.78 -15.78
C ALA A 155 6.13 -26.73 -16.73
N GLU A 156 5.14 -27.62 -16.53
CA GLU A 156 3.96 -27.64 -17.36
C GLU A 156 3.16 -26.35 -17.30
N ILE A 157 3.44 -25.47 -16.34
CA ILE A 157 2.78 -24.18 -16.29
C ILE A 157 3.03 -23.40 -17.58
N GLY A 158 4.14 -23.69 -18.27
CA GLY A 158 4.46 -23.02 -19.51
C GLY A 158 3.56 -23.38 -20.68
N GLU A 159 2.68 -24.37 -20.51
CA GLU A 159 1.72 -24.70 -21.56
C GLU A 159 0.47 -23.83 -21.51
N LEU A 160 0.32 -22.99 -20.48
CA LEU A 160 -0.81 -22.08 -20.38
C LEU A 160 -0.48 -20.78 -21.13
N CYS A 161 -0.42 -20.91 -22.45
CA CYS A 161 -0.05 -19.79 -23.31
C CYS A 161 -1.15 -18.74 -23.44
N ASN A 162 -2.34 -18.98 -22.88
CA ASN A 162 -3.38 -17.96 -22.81
C ASN A 162 -3.43 -17.28 -21.46
N LEU A 163 -2.50 -17.59 -20.56
CA LEU A 163 -2.53 -17.02 -19.22
C LEU A 163 -2.23 -15.53 -19.26
N ILE A 164 -3.11 -14.74 -18.67
CA ILE A 164 -2.97 -13.29 -18.62
C ILE A 164 -2.71 -12.79 -17.21
N THR A 165 -3.46 -13.30 -16.24
CA THR A 165 -3.32 -12.92 -14.84
C THR A 165 -3.00 -14.16 -14.03
N LEU A 166 -1.87 -14.12 -13.31
CA LEU A 166 -1.43 -15.24 -12.48
C LEU A 166 -1.10 -14.70 -11.10
N ASP A 167 -1.87 -15.12 -10.10
CA ASP A 167 -1.70 -14.67 -8.72
C ASP A 167 -1.27 -15.85 -7.86
N VAL A 168 0.00 -15.88 -7.46
CA VAL A 168 0.49 -16.89 -6.54
C VAL A 168 0.99 -16.21 -5.28
N ALA A 169 0.41 -15.04 -4.96
CA ALA A 169 0.80 -14.31 -3.76
C ALA A 169 0.60 -15.18 -2.52
N HIS A 170 1.53 -15.04 -1.56
CA HIS A 170 1.40 -15.71 -0.27
C HIS A 170 1.50 -17.23 -0.40
N ASN A 171 2.64 -17.71 -0.91
CA ASN A 171 2.94 -19.13 -0.90
C ASN A 171 4.36 -19.36 -0.41
N GLN A 172 5.00 -20.44 -0.85
CA GLN A 172 6.34 -20.79 -0.38
C GLN A 172 7.27 -21.09 -1.54
N LEU A 173 7.03 -20.47 -2.70
CA LEU A 173 7.87 -20.71 -3.87
C LEU A 173 9.27 -20.19 -3.63
N GLU A 174 10.27 -21.03 -3.92
CA GLU A 174 11.66 -20.61 -3.90
C GLU A 174 12.20 -20.25 -5.27
N HIS A 175 11.62 -20.83 -6.33
CA HIS A 175 12.01 -20.52 -7.69
C HIS A 175 10.77 -20.52 -8.57
N LEU A 176 10.94 -20.04 -9.79
CA LEU A 176 9.98 -20.20 -10.86
C LEU A 176 10.55 -21.10 -11.93
N PRO A 177 9.76 -22.00 -12.51
CA PRO A 177 10.25 -22.80 -13.64
C PRO A 177 10.56 -21.87 -14.81
N LYS A 178 11.72 -22.11 -15.45
CA LYS A 178 12.10 -21.27 -16.57
C LYS A 178 11.04 -21.28 -17.66
N GLU A 179 10.28 -22.38 -17.77
CA GLU A 179 9.21 -22.47 -18.75
C GLU A 179 8.12 -21.42 -18.54
N ILE A 180 8.11 -20.73 -17.40
CA ILE A 180 7.14 -19.65 -17.20
C ILE A 180 7.28 -18.62 -18.31
N GLY A 181 8.47 -18.48 -18.88
CA GLY A 181 8.67 -17.59 -20.02
C GLY A 181 7.89 -17.97 -21.26
N ASN A 182 7.26 -19.15 -21.27
CA ASN A 182 6.42 -19.53 -22.40
C ASN A 182 5.02 -18.95 -22.31
N CYS A 183 4.64 -18.39 -21.16
CA CYS A 183 3.34 -17.72 -21.00
C CYS A 183 3.48 -16.27 -21.49
N THR A 184 3.71 -16.14 -22.79
CA THR A 184 4.02 -14.85 -23.39
C THR A 184 2.91 -13.82 -23.26
N GLN A 185 1.72 -14.23 -22.82
CA GLN A 185 0.60 -13.31 -22.65
C GLN A 185 0.49 -12.73 -21.25
N ILE A 186 1.27 -13.23 -20.29
CA ILE A 186 1.13 -12.81 -18.90
C ILE A 186 1.33 -11.30 -18.81
N THR A 187 0.31 -10.60 -18.29
CA THR A 187 0.39 -9.17 -18.07
C THR A 187 0.33 -8.78 -16.60
N ASN A 188 -0.23 -9.62 -15.73
CA ASN A 188 -0.30 -9.35 -14.30
C ASN A 188 0.24 -10.58 -13.57
N LEU A 189 1.38 -10.42 -12.90
CA LEU A 189 2.02 -11.51 -12.17
C LEU A 189 2.28 -11.04 -10.75
N ASP A 190 1.62 -11.67 -9.78
CA ASP A 190 1.79 -11.34 -8.37
C ASP A 190 2.51 -12.48 -7.66
N LEU A 191 3.72 -12.22 -7.20
CA LEU A 191 4.54 -13.19 -6.48
C LEU A 191 4.89 -12.70 -5.08
N GLN A 192 4.14 -11.74 -4.54
CA GLN A 192 4.45 -11.20 -3.22
C GLN A 192 4.33 -12.27 -2.15
N HIS A 193 5.17 -12.14 -1.12
CA HIS A 193 5.13 -13.00 0.07
C HIS A 193 5.32 -14.47 -0.30
N ASN A 194 6.44 -14.74 -0.97
CA ASN A 194 6.91 -16.10 -1.18
C ASN A 194 8.31 -16.23 -0.58
N GLU A 195 9.13 -17.10 -1.15
CA GLU A 195 10.51 -17.26 -0.69
C GLU A 195 11.46 -17.30 -1.88
N LEU A 196 11.15 -16.51 -2.90
CA LEU A 196 11.90 -16.57 -4.15
C LEU A 196 13.35 -16.17 -3.93
N LEU A 197 14.27 -17.06 -4.30
CA LEU A 197 15.69 -16.77 -4.26
C LEU A 197 16.20 -16.12 -5.53
N ASP A 198 15.46 -16.22 -6.63
CA ASP A 198 15.90 -15.66 -7.91
C ASP A 198 14.73 -15.74 -8.88
N LEU A 199 14.91 -15.09 -10.03
CA LEU A 199 13.94 -15.13 -11.11
C LEU A 199 14.56 -15.75 -12.35
N PRO A 200 13.78 -16.45 -13.16
CA PRO A 200 14.34 -17.06 -14.36
C PRO A 200 14.74 -16.03 -15.40
N ASP A 201 15.83 -16.32 -16.12
CA ASP A 201 16.28 -15.43 -17.18
C ASP A 201 15.26 -15.34 -18.31
N THR A 202 14.39 -16.33 -18.45
CA THR A 202 13.34 -16.30 -19.46
C THR A 202 12.24 -15.29 -19.13
N ILE A 203 12.30 -14.65 -17.95
CA ILE A 203 11.28 -13.69 -17.58
C ILE A 203 11.17 -12.58 -18.61
N GLY A 204 12.28 -12.26 -19.28
CA GLY A 204 12.26 -11.22 -20.30
C GLY A 204 11.35 -11.51 -21.48
N ASN A 205 10.92 -12.77 -21.65
CA ASN A 205 10.02 -13.10 -22.73
C ASN A 205 8.63 -12.51 -22.53
N LEU A 206 8.31 -12.06 -21.32
CA LEU A 206 6.97 -11.56 -21.01
C LEU A 206 6.91 -10.08 -21.38
N SER A 207 6.78 -9.83 -22.69
CA SER A 207 6.77 -8.47 -23.22
C SER A 207 5.46 -7.74 -22.99
N SER A 208 4.42 -8.43 -22.49
CA SER A 208 3.16 -7.79 -22.14
C SER A 208 3.03 -7.56 -20.63
N LEU A 209 4.02 -7.98 -19.85
CA LEU A 209 3.95 -7.85 -18.40
C LEU A 209 3.89 -6.37 -18.01
N SER A 210 2.83 -6.01 -17.29
CA SER A 210 2.64 -4.63 -16.84
C SER A 210 2.75 -4.46 -15.33
N ARG A 211 2.43 -5.47 -14.54
CA ARG A 211 2.51 -5.39 -13.08
C ARG A 211 3.24 -6.62 -12.56
N LEU A 212 4.33 -6.39 -11.83
CA LEU A 212 5.15 -7.47 -11.27
C LEU A 212 5.28 -7.23 -9.77
N GLY A 213 4.59 -8.04 -8.98
CA GLY A 213 4.62 -7.94 -7.54
C GLY A 213 5.61 -8.92 -6.94
N LEU A 214 6.65 -8.38 -6.31
CA LEU A 214 7.72 -9.21 -5.75
C LEU A 214 8.06 -8.85 -4.32
N ARG A 215 7.25 -8.03 -3.65
CA ARG A 215 7.53 -7.69 -2.26
C ARG A 215 7.55 -8.94 -1.39
N TYR A 216 8.46 -8.93 -0.42
CA TYR A 216 8.59 -9.98 0.60
C TYR A 216 9.00 -11.31 -0.03
N ASN A 217 10.24 -11.33 -0.48
CA ASN A 217 10.88 -12.52 -1.01
C ASN A 217 12.31 -12.50 -0.53
N ARG A 218 13.18 -13.22 -1.24
CA ARG A 218 14.58 -13.37 -0.84
C ARG A 218 15.48 -13.15 -2.05
N LEU A 219 15.06 -12.30 -2.98
CA LEU A 219 15.87 -12.01 -4.16
C LEU A 219 17.12 -11.24 -3.75
N SER A 220 18.25 -11.64 -4.30
CA SER A 220 19.51 -10.92 -4.14
C SER A 220 19.96 -10.22 -5.41
N ALA A 221 19.24 -10.41 -6.52
CA ALA A 221 19.58 -9.78 -7.78
C ALA A 221 18.40 -9.90 -8.73
N ILE A 222 18.37 -9.02 -9.72
CA ILE A 222 17.32 -9.04 -10.74
C ILE A 222 17.96 -9.45 -12.06
N PRO A 223 17.33 -10.34 -12.83
CA PRO A 223 17.94 -10.77 -14.10
C PRO A 223 18.07 -9.61 -15.08
N ARG A 224 19.19 -9.59 -15.80
CA ARG A 224 19.39 -8.56 -16.82
C ARG A 224 18.24 -8.56 -17.82
N SER A 225 17.67 -9.74 -18.12
CA SER A 225 16.62 -9.84 -19.11
C SER A 225 15.32 -9.16 -18.70
N LEU A 226 15.19 -8.74 -17.44
CA LEU A 226 13.99 -8.03 -17.04
C LEU A 226 13.82 -6.71 -17.78
N ALA A 227 14.91 -6.18 -18.35
CA ALA A 227 14.82 -4.95 -19.14
C ALA A 227 13.99 -5.12 -20.40
N LYS A 228 13.65 -6.35 -20.79
CA LYS A 228 12.86 -6.59 -21.99
C LYS A 228 11.35 -6.56 -21.71
N CYS A 229 10.95 -6.56 -20.44
CA CYS A 229 9.54 -6.37 -20.07
C CYS A 229 9.18 -4.89 -20.17
N SER A 230 9.29 -4.36 -21.39
CA SER A 230 9.16 -2.93 -21.62
C SER A 230 7.76 -2.41 -21.37
N ALA A 231 6.78 -3.27 -21.14
CA ALA A 231 5.43 -2.83 -20.79
C ALA A 231 5.24 -2.64 -19.29
N LEU A 232 6.28 -2.85 -18.48
CA LEU A 232 6.12 -2.77 -17.04
C LEU A 232 5.70 -1.37 -16.60
N GLU A 233 4.63 -1.31 -15.82
CA GLU A 233 4.17 -0.07 -15.21
C GLU A 233 4.34 -0.04 -13.70
N GLU A 234 4.31 -1.20 -13.04
CA GLU A 234 4.37 -1.31 -11.60
C GLU A 234 5.39 -2.38 -11.25
N LEU A 235 6.50 -1.98 -10.62
CA LEU A 235 7.56 -2.90 -10.22
C LEU A 235 7.80 -2.71 -8.73
N ASN A 236 7.41 -3.70 -7.93
CA ASN A 236 7.51 -3.64 -6.48
C ASN A 236 8.49 -4.71 -6.00
N LEU A 237 9.67 -4.27 -5.55
CA LEU A 237 10.70 -5.17 -5.05
C LEU A 237 10.90 -5.03 -3.54
N GLU A 238 9.90 -4.51 -2.82
CA GLU A 238 10.06 -4.21 -1.42
C GLU A 238 10.46 -5.44 -0.61
N ASN A 239 11.39 -5.24 0.33
CA ASN A 239 11.78 -6.24 1.31
C ASN A 239 12.32 -7.50 0.62
N ASN A 240 13.50 -7.33 0.02
CA ASN A 240 14.29 -8.44 -0.49
C ASN A 240 15.73 -8.27 -0.04
N ASN A 241 16.69 -8.81 -0.79
CA ASN A 241 18.10 -8.72 -0.44
C ASN A 241 18.91 -8.18 -1.61
N ILE A 242 18.37 -7.20 -2.31
CA ILE A 242 18.97 -6.66 -3.52
C ILE A 242 19.83 -5.45 -3.15
N SER A 243 21.05 -5.42 -3.68
CA SER A 243 21.95 -4.28 -3.49
C SER A 243 22.25 -3.51 -4.76
N THR A 244 22.02 -4.10 -5.93
CA THR A 244 22.25 -3.40 -7.20
C THR A 244 21.22 -3.87 -8.22
N LEU A 245 21.05 -3.05 -9.27
CA LEU A 245 20.25 -3.42 -10.43
C LEU A 245 21.15 -3.55 -11.65
N PRO A 246 20.85 -4.48 -12.56
CA PRO A 246 21.70 -4.65 -13.74
C PRO A 246 21.82 -3.35 -14.53
N GLU A 247 22.78 -3.33 -15.45
CA GLU A 247 23.13 -2.14 -16.19
C GLU A 247 21.90 -1.47 -16.81
N SER A 248 21.62 -0.25 -16.37
CA SER A 248 20.55 0.58 -16.92
C SER A 248 19.27 -0.20 -17.19
N LEU A 249 18.88 -1.06 -16.24
CA LEU A 249 17.63 -1.79 -16.38
C LEU A 249 16.44 -0.85 -16.45
N LEU A 250 16.43 0.20 -15.62
CA LEU A 250 15.27 1.08 -15.53
C LEU A 250 15.10 1.91 -16.79
N SER A 251 16.19 2.24 -17.48
CA SER A 251 16.08 3.03 -18.70
C SER A 251 15.21 2.34 -19.74
N SER A 252 15.17 1.00 -19.73
CA SER A 252 14.40 0.26 -20.71
C SER A 252 12.91 0.19 -20.38
N LEU A 253 12.53 0.42 -19.13
CA LEU A 253 11.14 0.35 -18.71
C LEU A 253 10.48 1.71 -18.98
N VAL A 254 10.04 1.88 -20.23
CA VAL A 254 9.55 3.18 -20.71
C VAL A 254 8.13 3.48 -20.27
N LYS A 255 7.44 2.54 -19.64
CA LYS A 255 6.09 2.78 -19.13
C LYS A 255 6.04 2.76 -17.60
N LEU A 256 7.18 2.65 -16.93
CA LEU A 256 7.18 2.51 -15.48
C LEU A 256 6.55 3.74 -14.82
N ASN A 257 5.56 3.50 -13.97
CA ASN A 257 4.87 4.55 -13.22
C ASN A 257 5.33 4.64 -11.78
N SER A 258 5.63 3.52 -11.13
CA SER A 258 6.03 3.52 -9.74
C SER A 258 6.99 2.37 -9.49
N LEU A 259 8.05 2.65 -8.74
CA LEU A 259 9.10 1.69 -8.44
C LEU A 259 9.35 1.69 -6.94
N THR A 260 9.47 0.50 -6.36
CA THR A 260 9.74 0.35 -4.94
C THR A 260 10.99 -0.51 -4.75
N LEU A 261 12.04 0.08 -4.19
CA LEU A 261 13.24 -0.64 -3.78
C LEU A 261 13.39 -0.67 -2.27
N ALA A 262 12.37 -0.25 -1.53
CA ALA A 262 12.47 -0.13 -0.08
C ALA A 262 12.80 -1.45 0.58
N ARG A 263 13.47 -1.36 1.73
CA ARG A 263 13.80 -2.53 2.55
C ARG A 263 14.65 -3.54 1.79
N ASN A 264 15.75 -3.04 1.20
CA ASN A 264 16.73 -3.91 0.57
C ASN A 264 18.13 -3.61 1.10
N CYS A 265 19.15 -3.69 0.23
CA CYS A 265 20.54 -3.52 0.65
C CYS A 265 21.27 -2.51 -0.21
N PHE A 266 20.56 -1.51 -0.73
CA PHE A 266 21.18 -0.53 -1.63
C PHE A 266 22.05 0.44 -0.85
N GLN A 267 23.29 0.61 -1.32
CA GLN A 267 24.18 1.65 -0.82
C GLN A 267 24.24 2.87 -1.73
N LEU A 268 23.79 2.74 -2.97
CA LEU A 268 23.78 3.82 -3.94
C LEU A 268 22.54 3.70 -4.81
N TYR A 269 22.25 4.77 -5.55
CA TYR A 269 21.22 4.70 -6.57
C TYR A 269 21.65 3.72 -7.66
N PRO A 270 20.70 3.08 -8.33
CA PRO A 270 21.08 2.21 -9.45
C PRO A 270 21.77 3.00 -10.56
N VAL A 271 22.83 2.42 -11.11
CA VAL A 271 23.61 3.09 -12.14
C VAL A 271 22.80 3.16 -13.43
N GLY A 272 22.86 4.31 -14.10
CA GLY A 272 22.16 4.48 -15.36
C GLY A 272 21.94 5.93 -15.76
N GLY A 273 22.02 6.85 -14.80
CA GLY A 273 21.81 8.25 -15.06
C GLY A 273 20.35 8.63 -15.00
N PRO A 274 20.03 9.85 -15.45
CA PRO A 274 18.64 10.33 -15.35
C PRO A 274 17.68 9.65 -16.31
N SER A 275 18.16 8.90 -17.30
CA SER A 275 17.25 8.28 -18.26
C SER A 275 16.36 7.23 -17.61
N GLN A 276 16.75 6.69 -16.46
CA GLN A 276 16.00 5.61 -15.85
C GLN A 276 14.82 6.08 -15.01
N PHE A 277 14.65 7.39 -14.82
CA PHE A 277 13.54 7.91 -14.03
C PHE A 277 12.67 8.90 -14.81
N SER A 278 12.69 8.81 -16.15
CA SER A 278 12.00 9.81 -16.96
C SER A 278 10.48 9.67 -16.91
N THR A 279 9.95 8.50 -16.54
CA THR A 279 8.52 8.28 -16.57
C THR A 279 7.89 8.00 -15.21
N ILE A 280 8.67 7.60 -14.19
CA ILE A 280 8.07 7.13 -12.95
C ILE A 280 7.42 8.29 -12.21
N TYR A 281 6.28 8.01 -11.59
CA TYR A 281 5.52 8.98 -10.82
C TYR A 281 5.85 8.96 -9.34
N SER A 282 6.19 7.79 -8.79
CA SER A 282 6.56 7.66 -7.40
C SER A 282 7.75 6.72 -7.28
N LEU A 283 8.67 7.04 -6.37
CA LEU A 283 9.89 6.27 -6.16
C LEU A 283 10.07 6.03 -4.67
N ASN A 284 10.09 4.75 -4.28
CA ASN A 284 10.18 4.36 -2.87
C ASN A 284 11.50 3.63 -2.63
N MET A 285 12.37 4.23 -1.83
CA MET A 285 13.67 3.64 -1.52
C MET A 285 13.91 3.60 -0.01
N GLU A 286 12.86 3.71 0.80
CA GLU A 286 13.03 3.80 2.24
C GLU A 286 13.63 2.51 2.80
N HIS A 287 14.34 2.65 3.92
CA HIS A 287 14.92 1.53 4.65
C HIS A 287 15.99 0.83 3.80
N ASN A 288 16.95 1.61 3.34
CA ASN A 288 18.15 1.07 2.71
C ASN A 288 19.38 1.67 3.37
N ARG A 289 20.49 1.77 2.63
CA ARG A 289 21.72 2.34 3.15
C ARG A 289 22.32 3.31 2.15
N ILE A 290 21.46 4.06 1.46
CA ILE A 290 21.90 4.97 0.40
C ILE A 290 22.55 6.19 1.03
N ASN A 291 23.78 6.49 0.61
CA ASN A 291 24.57 7.55 1.22
C ASN A 291 24.55 8.85 0.43
N LYS A 292 23.91 8.89 -0.74
CA LYS A 292 23.83 10.13 -1.49
C LYS A 292 22.81 9.98 -2.61
N ILE A 293 22.19 11.09 -2.95
CA ILE A 293 21.35 11.20 -4.16
C ILE A 293 22.20 11.80 -5.27
N PRO A 294 22.41 11.08 -6.38
CA PRO A 294 23.34 11.59 -7.40
C PRO A 294 22.88 12.92 -7.98
N PHE A 295 23.86 13.76 -8.31
CA PHE A 295 23.57 15.01 -8.98
C PHE A 295 22.94 14.74 -10.35
N GLY A 296 21.80 15.37 -10.61
CA GLY A 296 21.17 15.31 -11.90
C GLY A 296 20.38 14.05 -12.21
N ILE A 297 20.16 13.17 -11.23
CA ILE A 297 19.44 11.93 -11.54
C ILE A 297 17.97 12.19 -11.82
N PHE A 298 17.43 13.33 -11.39
CA PHE A 298 16.03 13.66 -11.62
C PHE A 298 15.84 14.73 -12.70
N SER A 299 16.90 15.10 -13.41
CA SER A 299 16.79 16.14 -14.43
C SER A 299 15.83 15.77 -15.55
N ARG A 300 15.57 14.49 -15.76
CA ARG A 300 14.60 14.02 -16.74
C ARG A 300 13.32 13.48 -16.11
N ALA A 301 13.22 13.49 -14.78
CA ALA A 301 12.06 12.95 -14.06
C ALA A 301 10.97 14.01 -14.02
N LYS A 302 10.30 14.18 -15.16
CA LYS A 302 9.34 15.27 -15.33
C LYS A 302 8.02 15.04 -14.58
N VAL A 303 7.66 13.78 -14.33
CA VAL A 303 6.41 13.47 -13.63
C VAL A 303 6.64 12.91 -12.23
N LEU A 304 7.89 12.84 -11.78
CA LEU A 304 8.19 12.33 -10.45
C LEU A 304 7.55 13.21 -9.37
N SER A 305 6.57 12.67 -8.64
CA SER A 305 5.83 13.45 -7.66
C SER A 305 6.07 13.02 -6.22
N LYS A 306 6.50 11.79 -5.97
CA LYS A 306 6.64 11.27 -4.61
C LYS A 306 7.97 10.56 -4.49
N LEU A 307 8.82 11.03 -3.58
CA LEU A 307 10.12 10.42 -3.31
C LEU A 307 10.23 10.11 -1.83
N ASN A 308 10.50 8.86 -1.49
CA ASN A 308 10.68 8.42 -0.11
C ASN A 308 12.10 7.91 0.05
N MET A 309 12.92 8.68 0.77
CA MET A 309 14.28 8.27 1.12
C MET A 309 14.44 8.01 2.61
N LYS A 310 13.33 7.80 3.31
CA LYS A 310 13.38 7.63 4.76
C LYS A 310 14.31 6.49 5.14
N ASP A 311 15.03 6.67 6.26
CA ASP A 311 15.88 5.64 6.85
C ASP A 311 16.93 5.16 5.85
N ASN A 312 17.86 6.06 5.55
CA ASN A 312 19.03 5.71 4.74
C ASN A 312 20.29 6.30 5.37
N GLN A 313 21.24 6.73 4.56
CA GLN A 313 22.52 7.22 5.05
C GLN A 313 22.87 8.56 4.42
N LEU A 314 21.89 9.42 4.23
CA LEU A 314 22.11 10.73 3.65
C LEU A 314 22.70 11.68 4.69
N THR A 315 23.82 12.32 4.34
CA THR A 315 24.43 13.34 5.17
C THR A 315 24.30 14.74 4.57
N SER A 316 23.76 14.85 3.36
CA SER A 316 23.54 16.13 2.71
C SER A 316 22.67 15.91 1.49
N LEU A 317 22.13 17.00 0.97
CA LEU A 317 21.31 16.91 -0.22
C LEU A 317 22.10 17.37 -1.44
N PRO A 318 21.77 16.83 -2.62
CA PRO A 318 22.55 17.16 -3.83
C PRO A 318 22.47 18.64 -4.17
N LEU A 319 23.44 19.08 -4.98
CA LEU A 319 23.55 20.49 -5.34
C LEU A 319 22.30 20.98 -6.05
N ASP A 320 21.75 20.18 -6.96
CA ASP A 320 20.57 20.55 -7.73
C ASP A 320 19.27 20.21 -7.01
N PHE A 321 19.30 20.06 -5.68
CA PHE A 321 18.10 19.77 -4.91
C PHE A 321 16.96 20.73 -5.26
N GLY A 322 17.30 22.00 -5.51
CA GLY A 322 16.31 23.01 -5.82
C GLY A 322 15.66 22.88 -7.18
N THR A 323 16.04 21.91 -8.00
CA THR A 323 15.46 21.72 -9.31
C THR A 323 14.26 20.78 -9.32
N TRP A 324 13.94 20.15 -8.19
CA TRP A 324 12.83 19.20 -8.11
C TRP A 324 11.50 19.94 -8.01
N THR A 325 11.18 20.68 -9.08
CA THR A 325 10.00 21.53 -9.09
C THR A 325 8.70 20.76 -9.22
N SER A 326 8.74 19.48 -9.59
CA SER A 326 7.54 18.66 -9.69
C SER A 326 7.30 17.82 -8.45
N MET A 327 8.22 17.84 -7.48
CA MET A 327 8.07 17.01 -6.29
C MET A 327 6.91 17.50 -5.45
N VAL A 328 6.01 16.59 -5.09
CA VAL A 328 4.85 16.91 -4.29
C VAL A 328 4.97 16.36 -2.87
N GLU A 329 5.58 15.19 -2.70
CA GLU A 329 5.77 14.58 -1.39
C GLU A 329 7.20 14.08 -1.28
N LEU A 330 7.90 14.53 -0.24
CA LEU A 330 9.31 14.18 -0.04
C LEU A 330 9.50 13.73 1.39
N ASN A 331 10.06 12.53 1.57
CA ASN A 331 10.31 11.97 2.89
C ASN A 331 11.80 11.72 3.03
N LEU A 332 12.46 12.48 3.92
CA LEU A 332 13.87 12.32 4.23
C LEU A 332 14.10 11.94 5.68
N ALA A 333 13.08 11.44 6.35
CA ALA A 333 13.19 11.13 7.78
C ALA A 333 14.27 10.08 8.03
N THR A 334 14.78 10.08 9.26
CA THR A 334 15.74 9.08 9.73
C THR A 334 16.96 9.01 8.82
N ASN A 335 17.56 10.17 8.57
CA ASN A 335 18.87 10.24 7.94
C ASN A 335 19.79 11.04 8.84
N GLN A 336 20.92 11.50 8.32
CA GLN A 336 21.90 12.24 9.12
C GLN A 336 22.10 13.65 8.55
N LEU A 337 21.01 14.29 8.15
CA LEU A 337 21.09 15.64 7.62
C LEU A 337 21.30 16.64 8.75
N THR A 338 22.31 17.49 8.60
CA THR A 338 22.58 18.54 9.57
C THR A 338 22.11 19.92 9.11
N LYS A 339 21.69 20.05 7.85
CA LYS A 339 21.17 21.31 7.35
C LYS A 339 20.42 21.07 6.06
N ILE A 340 19.37 21.87 5.85
CA ILE A 340 18.59 21.87 4.62
C ILE A 340 19.06 23.04 3.77
N PRO A 341 19.50 22.81 2.53
CA PRO A 341 20.02 23.92 1.72
C PRO A 341 18.98 25.01 1.54
N GLU A 342 19.45 26.25 1.42
CA GLU A 342 18.56 27.35 1.10
C GLU A 342 17.83 27.16 -0.22
N ASP A 343 18.38 26.33 -1.12
CA ASP A 343 17.75 26.05 -2.40
C ASP A 343 16.45 25.28 -2.27
N VAL A 344 16.03 24.91 -1.06
CA VAL A 344 14.74 24.25 -0.89
C VAL A 344 13.60 25.14 -1.36
N SER A 345 13.84 26.44 -1.49
CA SER A 345 12.82 27.37 -1.95
C SER A 345 12.35 27.08 -3.37
N GLY A 346 13.07 26.25 -4.12
CA GLY A 346 12.66 25.90 -5.47
C GLY A 346 11.60 24.82 -5.57
N LEU A 347 11.29 24.13 -4.48
CA LEU A 347 10.31 23.04 -4.49
C LEU A 347 8.91 23.60 -4.29
N VAL A 348 8.47 24.37 -5.29
CA VAL A 348 7.23 25.13 -5.17
C VAL A 348 6.00 24.24 -5.23
N SER A 349 6.13 23.00 -5.67
CA SER A 349 4.99 22.07 -5.70
C SER A 349 4.92 21.20 -4.46
N LEU A 350 5.85 21.34 -3.53
CA LEU A 350 5.92 20.44 -2.39
C LEU A 350 4.75 20.68 -1.45
N GLU A 351 4.01 19.61 -1.15
CA GLU A 351 2.90 19.66 -0.22
C GLU A 351 3.17 18.91 1.08
N VAL A 352 4.03 17.90 1.05
CA VAL A 352 4.40 17.13 2.24
C VAL A 352 5.92 17.07 2.32
N LEU A 353 6.46 17.42 3.49
CA LEU A 353 7.90 17.41 3.73
C LEU A 353 8.15 16.74 5.07
N ILE A 354 8.79 15.58 5.05
CA ILE A 354 9.04 14.79 6.24
C ILE A 354 10.54 14.80 6.51
N LEU A 355 10.94 15.42 7.63
CA LEU A 355 12.34 15.55 7.99
C LEU A 355 12.59 15.01 9.40
N SER A 356 11.75 14.08 9.84
CA SER A 356 11.83 13.56 11.19
C SER A 356 13.16 12.84 11.43
N ASN A 357 13.66 12.97 12.67
CA ASN A 357 14.80 12.20 13.13
C ASN A 357 16.03 12.42 12.25
N ASN A 358 16.40 13.70 12.12
CA ASN A 358 17.70 14.05 11.54
C ASN A 358 18.51 14.81 12.59
N LEU A 359 19.47 15.61 12.16
CA LEU A 359 20.35 16.35 13.06
C LEU A 359 20.25 17.86 12.86
N LEU A 360 19.05 18.35 12.56
CA LEU A 360 18.87 19.76 12.22
C LEU A 360 18.83 20.60 13.49
N LYS A 361 19.63 21.67 13.51
CA LYS A 361 19.61 22.67 14.57
C LYS A 361 18.91 23.96 14.17
N LYS A 362 18.77 24.21 12.87
CA LYS A 362 18.03 25.36 12.37
C LYS A 362 17.53 25.04 10.97
N LEU A 363 16.58 25.84 10.50
CA LEU A 363 16.01 25.64 9.18
C LEU A 363 16.41 26.77 8.24
N PRO A 364 16.53 26.48 6.94
CA PRO A 364 16.89 27.54 6.00
C PRO A 364 15.77 28.56 5.85
N HIS A 365 16.16 29.80 5.54
CA HIS A 365 15.17 30.84 5.31
C HIS A 365 14.28 30.51 4.11
N GLY A 366 14.82 29.79 3.13
CA GLY A 366 14.07 29.44 1.94
C GLY A 366 12.88 28.52 2.20
N LEU A 367 12.77 27.97 3.41
CA LEU A 367 11.63 27.13 3.71
C LEU A 367 10.31 27.88 3.55
N GLY A 368 10.31 29.18 3.85
CA GLY A 368 9.09 29.97 3.77
C GLY A 368 8.56 30.16 2.36
N ASN A 369 9.29 29.73 1.34
CA ASN A 369 8.83 29.86 -0.03
C ASN A 369 7.94 28.70 -0.48
N LEU A 370 7.83 27.65 0.32
CA LEU A 370 7.00 26.49 -0.02
C LEU A 370 5.54 26.87 0.22
N ARG A 371 4.97 27.58 -0.74
CA ARG A 371 3.65 28.16 -0.57
C ARG A 371 2.53 27.11 -0.53
N LYS A 372 2.76 25.92 -1.06
CA LYS A 372 1.74 24.88 -1.07
C LYS A 372 2.00 23.79 -0.05
N LEU A 373 2.99 23.95 0.82
CA LEU A 373 3.29 22.95 1.81
C LEU A 373 2.14 22.80 2.79
N ARG A 374 1.64 21.58 2.94
CA ARG A 374 0.53 21.29 3.85
C ARG A 374 0.95 20.56 5.11
N GLU A 375 2.04 19.80 5.06
CA GLU A 375 2.48 18.99 6.19
C GLU A 375 3.98 19.08 6.32
N LEU A 376 4.44 19.43 7.52
CA LEU A 376 5.87 19.56 7.82
C LEU A 376 6.14 18.79 9.10
N ASP A 377 6.90 17.70 9.00
CA ASP A 377 7.23 16.86 10.14
C ASP A 377 8.70 17.05 10.47
N LEU A 378 8.98 17.65 11.63
CA LEU A 378 10.34 17.94 12.06
C LEU A 378 10.65 17.33 13.43
N GLU A 379 9.87 16.33 13.86
CA GLU A 379 10.08 15.76 15.17
C GLU A 379 11.45 15.10 15.27
N GLU A 380 12.00 15.07 16.49
CA GLU A 380 13.21 14.32 16.80
C GLU A 380 14.43 14.90 16.08
N ASN A 381 14.52 16.22 15.99
CA ASN A 381 15.71 16.90 15.56
C ASN A 381 16.30 17.68 16.74
N LYS A 382 17.10 18.69 16.45
CA LYS A 382 17.75 19.52 17.47
C LYS A 382 17.41 21.00 17.27
N LEU A 383 16.22 21.28 16.76
CA LEU A 383 15.88 22.64 16.37
C LEU A 383 15.93 23.59 17.56
N GLU A 384 16.74 24.63 17.45
CA GLU A 384 16.85 25.64 18.49
C GLU A 384 16.04 26.89 18.20
N SER A 385 15.47 26.99 17.00
CA SER A 385 14.65 28.13 16.62
C SER A 385 13.98 27.83 15.30
N LEU A 386 12.95 28.61 14.97
CA LEU A 386 12.30 28.55 13.68
C LEU A 386 12.48 29.87 12.95
N PRO A 387 12.74 29.85 11.64
CA PRO A 387 12.93 31.10 10.91
C PRO A 387 11.65 31.91 10.84
N ASN A 388 11.82 33.23 10.77
CA ASN A 388 10.67 34.11 10.64
C ASN A 388 9.92 33.88 9.32
N GLU A 389 10.57 33.28 8.33
CA GLU A 389 9.94 33.05 7.04
C GLU A 389 8.80 32.04 7.10
N ILE A 390 8.68 31.27 8.18
CA ILE A 390 7.59 30.30 8.27
C ILE A 390 6.23 30.99 8.15
N ALA A 391 6.17 32.30 8.40
CA ALA A 391 4.91 33.03 8.31
C ALA A 391 4.27 32.91 6.93
N TYR A 392 5.04 32.58 5.89
CA TYR A 392 4.52 32.50 4.54
C TYR A 392 4.09 31.09 4.15
N LEU A 393 4.08 30.15 5.08
CA LEU A 393 3.56 28.81 4.82
C LEU A 393 2.05 28.79 5.07
N LYS A 394 1.34 29.52 4.21
CA LYS A 394 -0.08 29.76 4.42
C LYS A 394 -0.94 28.52 4.17
N ASP A 395 -0.43 27.53 3.45
CA ASP A 395 -1.16 26.28 3.23
C ASP A 395 -0.89 25.24 4.31
N LEU A 396 -0.02 25.54 5.27
CA LEU A 396 0.39 24.54 6.25
C LEU A 396 -0.77 24.17 7.15
N GLN A 397 -1.06 22.86 7.24
CA GLN A 397 -2.09 22.34 8.12
C GLN A 397 -1.55 21.59 9.33
N LYS A 398 -0.41 20.93 9.20
CA LYS A 398 0.16 20.13 10.28
C LYS A 398 1.64 20.48 10.43
N LEU A 399 2.03 20.83 11.65
CA LEU A 399 3.43 21.14 11.96
C LEU A 399 3.82 20.34 13.20
N VAL A 400 4.72 19.37 13.02
CA VAL A 400 5.14 18.47 14.08
C VAL A 400 6.57 18.84 14.48
N LEU A 401 6.74 19.32 15.71
CA LEU A 401 8.05 19.70 16.23
C LEU A 401 8.40 18.93 17.50
N THR A 402 7.81 17.76 17.70
CA THR A 402 7.99 17.02 18.95
C THR A 402 9.45 16.68 19.19
N ASN A 403 9.91 16.89 20.42
CA ASN A 403 11.27 16.57 20.84
C ASN A 403 12.31 17.36 20.04
N ASN A 404 12.22 18.68 20.14
CA ASN A 404 13.29 19.55 19.66
C ASN A 404 13.81 20.40 20.81
N GLN A 405 14.52 21.49 20.51
CA GLN A 405 15.16 22.33 21.51
C GLN A 405 14.61 23.76 21.47
N LEU A 406 13.35 23.92 21.08
CA LEU A 406 12.78 25.26 20.93
C LEU A 406 12.48 25.88 22.30
N THR A 407 12.80 27.16 22.44
CA THR A 407 12.45 27.93 23.62
C THR A 407 11.37 28.97 23.38
N THR A 408 11.26 29.48 22.15
CA THR A 408 10.22 30.44 21.80
C THR A 408 9.81 30.20 20.35
N LEU A 409 8.64 30.72 20.00
CA LEU A 409 8.16 30.63 18.63
C LEU A 409 8.19 32.00 17.97
N PRO A 410 8.49 32.07 16.68
CA PRO A 410 8.43 33.36 15.97
C PRO A 410 7.02 33.93 16.03
N ARG A 411 6.93 35.24 16.23
CA ARG A 411 5.62 35.88 16.23
C ARG A 411 4.90 35.71 14.91
N GLY A 412 5.65 35.55 13.82
CA GLY A 412 5.06 35.31 12.52
C GLY A 412 4.29 34.00 12.42
N ILE A 413 4.44 33.11 13.39
CA ILE A 413 3.70 31.86 13.36
C ILE A 413 2.20 32.10 13.39
N GLY A 414 1.77 33.29 13.80
CA GLY A 414 0.35 33.62 13.81
C GLY A 414 -0.28 33.74 12.43
N HIS A 415 0.53 33.81 11.38
CA HIS A 415 0.02 33.90 10.01
C HIS A 415 -0.33 32.55 9.43
N LEU A 416 -0.05 31.45 10.12
CA LEU A 416 -0.41 30.11 9.66
C LEU A 416 -1.90 29.88 9.93
N THR A 417 -2.73 30.55 9.13
CA THR A 417 -4.16 30.53 9.37
C THR A 417 -4.80 29.19 9.01
N ASN A 418 -4.15 28.37 8.19
CA ASN A 418 -4.64 27.04 7.85
C ASN A 418 -4.16 25.96 8.80
N LEU A 419 -3.37 26.33 9.82
CA LEU A 419 -2.81 25.33 10.72
C LEU A 419 -3.88 24.79 11.66
N THR A 420 -4.04 23.46 11.67
CA THR A 420 -4.96 22.81 12.59
C THR A 420 -4.27 21.94 13.64
N HIS A 421 -3.04 21.48 13.37
CA HIS A 421 -2.31 20.62 14.29
C HIS A 421 -0.93 21.23 14.51
N LEU A 422 -0.59 21.49 15.78
CA LEU A 422 0.69 22.06 16.17
C LEU A 422 1.27 21.23 17.30
N GLY A 423 2.27 20.40 16.99
CA GLY A 423 2.84 19.51 17.98
C GLY A 423 4.15 20.02 18.56
N LEU A 424 4.09 20.56 19.79
CA LEU A 424 5.24 21.17 20.42
C LEU A 424 5.71 20.40 21.66
N GLY A 425 5.34 19.13 21.78
CA GLY A 425 5.69 18.38 22.96
C GLY A 425 7.19 18.15 23.07
N GLU A 426 7.65 18.01 24.32
CA GLU A 426 9.04 17.63 24.60
C GLU A 426 10.02 18.67 24.06
N ASN A 427 9.69 19.94 24.24
CA ASN A 427 10.57 21.04 23.88
C ASN A 427 10.98 21.80 25.14
N LEU A 428 11.67 22.92 24.95
CA LEU A 428 12.12 23.76 26.05
C LEU A 428 11.41 25.11 26.08
N LEU A 429 10.15 25.13 25.64
CA LEU A 429 9.43 26.38 25.51
C LEU A 429 9.28 27.07 26.86
N THR A 430 9.57 28.38 26.88
CA THR A 430 9.31 29.21 28.04
C THR A 430 7.98 29.94 27.96
N HIS A 431 7.47 30.18 26.76
CA HIS A 431 6.21 30.86 26.55
C HIS A 431 5.85 30.78 25.07
N LEU A 432 4.58 31.04 24.77
CA LEU A 432 4.12 31.08 23.41
C LEU A 432 3.82 32.52 22.98
N PRO A 433 4.10 32.88 21.73
CA PRO A 433 3.85 34.25 21.30
C PRO A 433 2.37 34.59 21.36
N GLU A 434 2.08 35.86 21.65
CA GLU A 434 0.70 36.32 21.70
C GLU A 434 0.00 36.18 20.35
N GLU A 435 0.77 36.13 19.25
CA GLU A 435 0.18 35.95 17.92
C GLU A 435 -0.42 34.57 17.72
N ILE A 436 -0.31 33.68 18.71
CA ILE A 436 -0.96 32.37 18.61
C ILE A 436 -2.46 32.52 18.47
N GLY A 437 -3.01 33.66 18.87
CA GLY A 437 -4.45 33.89 18.85
C GLY A 437 -5.04 34.06 17.47
N THR A 438 -4.23 34.28 16.45
CA THR A 438 -4.72 34.42 15.08
C THR A 438 -4.72 33.11 14.32
N LEU A 439 -4.38 32.00 14.97
CA LEU A 439 -4.47 30.67 14.37
C LEU A 439 -5.94 30.26 14.36
N GLU A 440 -6.66 30.71 13.34
CA GLU A 440 -8.11 30.58 13.31
C GLU A 440 -8.53 29.11 13.37
N ASN A 441 -7.84 28.25 12.64
CA ASN A 441 -8.26 26.86 12.45
C ASN A 441 -7.54 25.89 13.38
N LEU A 442 -6.78 26.38 14.35
CA LEU A 442 -6.05 25.50 15.25
C LEU A 442 -7.02 24.62 16.03
N GLU A 443 -6.80 23.31 15.97
CA GLU A 443 -7.65 22.33 16.65
C GLU A 443 -6.91 21.53 17.72
N GLU A 444 -5.65 21.20 17.49
CA GLU A 444 -4.89 20.33 18.39
C GLU A 444 -3.56 21.00 18.70
N LEU A 445 -3.33 21.28 19.98
CA LEU A 445 -2.11 21.93 20.45
C LEU A 445 -1.48 21.05 21.52
N TYR A 446 -0.36 20.42 21.21
CA TYR A 446 0.32 19.52 22.13
C TYR A 446 1.51 20.24 22.75
N LEU A 447 1.43 20.49 24.06
CA LEU A 447 2.49 21.15 24.81
C LEU A 447 3.05 20.27 25.92
N ASN A 448 2.64 19.01 25.99
CA ASN A 448 3.06 18.15 27.09
C ASN A 448 4.58 18.03 27.14
N ASP A 449 5.11 17.94 28.36
CA ASP A 449 6.54 17.69 28.58
C ASP A 449 7.40 18.89 28.16
N ASN A 450 6.94 20.10 28.50
CA ASN A 450 7.72 21.32 28.40
C ASN A 450 8.01 21.80 29.81
N PRO A 451 9.11 21.35 30.43
CA PRO A 451 9.32 21.62 31.86
C PRO A 451 9.66 23.06 32.20
N ASN A 452 9.78 23.95 31.21
CA ASN A 452 10.07 25.36 31.45
C ASN A 452 8.92 26.27 31.01
N LEU A 453 7.77 25.71 30.67
CA LEU A 453 6.63 26.48 30.20
C LEU A 453 5.80 26.91 31.40
N HIS A 454 5.97 28.15 31.84
CA HIS A 454 5.33 28.66 33.04
C HIS A 454 4.12 29.54 32.75
N SER A 455 3.80 29.81 31.49
CA SER A 455 2.70 30.72 31.18
C SER A 455 2.07 30.34 29.85
N LEU A 456 0.85 30.84 29.64
CA LEU A 456 0.08 30.69 28.42
C LEU A 456 -0.58 32.02 28.11
N PRO A 457 -0.53 32.46 26.85
CA PRO A 457 -1.08 33.78 26.52
C PRO A 457 -2.61 33.77 26.51
N PHE A 458 -3.19 34.88 26.97
CA PHE A 458 -4.64 35.00 26.97
C PHE A 458 -5.21 34.88 25.57
N GLU A 459 -4.46 35.30 24.55
CA GLU A 459 -4.94 35.21 23.18
C GLU A 459 -5.27 33.78 22.77
N LEU A 460 -4.73 32.79 23.49
CA LEU A 460 -5.08 31.40 23.20
C LEU A 460 -6.59 31.18 23.28
N ALA A 461 -7.28 31.99 24.07
CA ALA A 461 -8.74 31.91 24.11
C ALA A 461 -9.39 32.27 22.78
N LEU A 462 -8.65 32.93 21.89
CA LEU A 462 -9.20 33.35 20.61
C LEU A 462 -9.24 32.22 19.58
N CYS A 463 -8.50 31.14 19.81
CA CYS A 463 -8.58 29.96 18.95
C CYS A 463 -9.89 29.23 19.21
N SER A 464 -10.93 29.57 18.43
CA SER A 464 -12.27 29.09 18.70
C SER A 464 -12.51 27.64 18.28
N LYS A 465 -11.60 27.04 17.52
CA LYS A 465 -11.71 25.64 17.13
C LYS A 465 -10.81 24.72 17.93
N LEU A 466 -10.06 25.27 18.90
CA LEU A 466 -9.19 24.45 19.73
C LEU A 466 -10.03 23.49 20.57
N SER A 467 -9.83 22.19 20.37
CA SER A 467 -10.53 21.17 21.13
C SER A 467 -9.61 20.17 21.82
N ILE A 468 -8.35 20.08 21.42
CA ILE A 468 -7.39 19.15 22.00
C ILE A 468 -6.17 19.94 22.43
N MET A 469 -5.78 19.79 23.70
CA MET A 469 -4.57 20.39 24.22
C MET A 469 -4.01 19.51 25.32
N SER A 470 -2.70 19.32 25.32
CA SER A 470 -1.99 18.59 26.36
C SER A 470 -0.99 19.52 27.02
N ILE A 471 -1.03 19.57 28.34
CA ILE A 471 -0.10 20.41 29.10
C ILE A 471 0.51 19.61 30.23
N GLU A 472 0.39 18.29 30.17
CA GLU A 472 0.96 17.44 31.21
C GLU A 472 2.45 17.72 31.37
N ASN A 473 2.89 17.86 32.62
CA ASN A 473 4.28 18.11 32.98
C ASN A 473 4.79 19.47 32.53
N CYS A 474 3.88 20.44 32.36
CA CYS A 474 4.25 21.84 32.17
C CYS A 474 4.05 22.58 33.49
N PRO A 475 5.07 23.29 33.97
CA PRO A 475 4.93 24.00 35.25
C PRO A 475 3.72 24.91 35.29
N LEU A 476 3.66 25.87 34.37
CA LEU A 476 2.56 26.83 34.33
C LEU A 476 2.37 27.52 35.69
N SER A 477 3.50 27.80 36.36
CA SER A 477 3.44 28.35 37.70
C SER A 477 2.88 29.77 37.73
N HIS A 478 2.83 30.45 36.58
CA HIS A 478 2.28 31.79 36.52
C HIS A 478 0.77 31.81 36.43
N LEU A 479 0.13 30.65 36.36
CA LEU A 479 -1.31 30.49 36.43
C LEU A 479 -1.70 29.96 37.81
N PRO A 480 -2.92 30.26 38.26
CA PRO A 480 -3.36 29.75 39.58
C PRO A 480 -3.20 28.25 39.66
N PRO A 481 -2.59 27.75 40.75
CA PRO A 481 -2.37 26.30 40.85
C PRO A 481 -3.64 25.48 40.72
N GLN A 482 -4.73 25.88 41.37
CA GLN A 482 -5.97 25.13 41.26
C GLN A 482 -6.50 25.12 39.83
N ILE A 483 -6.15 26.14 39.05
CA ILE A 483 -6.59 26.20 37.65
C ILE A 483 -5.87 25.11 36.83
N VAL A 484 -4.54 25.13 36.84
CA VAL A 484 -3.80 24.14 36.07
C VAL A 484 -4.09 22.74 36.60
N ALA A 485 -4.39 22.61 37.89
CA ALA A 485 -4.71 21.30 38.44
C ALA A 485 -5.94 20.71 37.78
N GLY A 486 -6.85 21.55 37.28
CA GLY A 486 -8.07 21.10 36.64
C GLY A 486 -7.92 20.67 35.20
N GLY A 487 -6.75 20.87 34.59
CA GLY A 487 -6.51 20.42 33.24
C GLY A 487 -6.80 21.49 32.20
N PRO A 488 -6.77 21.10 30.92
CA PRO A 488 -6.94 22.10 29.85
C PRO A 488 -8.29 22.79 29.87
N SER A 489 -9.35 22.11 30.31
CA SER A 489 -10.66 22.73 30.30
C SER A 489 -10.73 23.93 31.23
N PHE A 490 -10.16 23.81 32.43
CA PHE A 490 -10.14 24.96 33.34
C PHE A 490 -9.14 26.01 32.91
N ILE A 491 -8.01 25.59 32.32
CA ILE A 491 -7.01 26.55 31.86
C ILE A 491 -7.59 27.44 30.78
N ILE A 492 -8.21 26.85 29.76
CA ILE A 492 -8.79 27.64 28.69
C ILE A 492 -9.92 28.50 29.23
N GLN A 493 -10.76 27.94 30.11
CA GLN A 493 -11.80 28.73 30.74
C GLN A 493 -11.22 29.95 31.43
N PHE A 494 -10.14 29.77 32.19
CA PHE A 494 -9.51 30.89 32.87
C PHE A 494 -8.99 31.91 31.87
N LEU A 495 -8.17 31.48 30.91
CA LEU A 495 -7.67 32.39 29.89
C LEU A 495 -8.79 33.10 29.16
N LYS A 496 -9.93 32.43 29.00
CA LYS A 496 -11.06 33.01 28.27
C LYS A 496 -11.76 34.09 29.07
N MET A 497 -12.41 33.71 30.18
CA MET A 497 -13.19 34.66 30.95
C MET A 497 -12.35 35.56 31.85
N GLN A 498 -11.08 35.23 32.08
CA GLN A 498 -10.19 36.08 32.85
C GLN A 498 -9.30 36.97 31.99
N GLY A 499 -9.46 36.92 30.66
CA GLY A 499 -8.61 37.66 29.77
C GLY A 499 -9.30 38.87 29.17
N PRO A 500 -8.61 39.59 28.29
CA PRO A 500 -9.18 40.79 27.68
C PRO A 500 -10.21 40.52 26.59
N TYR A 501 -10.49 39.25 26.27
CA TYR A 501 -11.34 38.95 25.14
C TYR A 501 -12.62 38.24 25.55
N ARG A 502 -13.31 38.77 26.55
CA ARG A 502 -14.58 38.19 26.99
C ARG A 502 -15.69 39.24 26.98
N PHE B 1 -6.53 -4.34 -6.65
CA PHE B 1 -7.83 -4.32 -7.34
C PHE B 1 -8.83 -5.21 -6.66
N LYS B 2 -10.16 -4.94 -6.85
CA LYS B 2 -11.20 -5.76 -6.24
C LYS B 2 -11.62 -6.80 -7.25
N ASP B 3 -11.54 -8.11 -6.89
CA ASP B 3 -11.90 -9.22 -7.79
C ASP B 3 -13.42 -9.30 -7.81
N TRP B 4 -14.02 -10.27 -8.54
CA TRP B 4 -15.48 -10.39 -8.60
C TRP B 4 -16.03 -10.67 -7.22
N TYR B 5 -15.28 -11.37 -6.32
CA TYR B 5 -15.81 -11.66 -4.98
C TYR B 5 -15.72 -10.44 -4.06
N GLY B 6 -15.09 -9.32 -4.47
CA GLY B 6 -15.00 -8.16 -3.58
C GLY B 6 -13.72 -8.23 -2.79
N GLU B 7 -12.85 -9.25 -3.02
CA GLU B 7 -11.60 -9.34 -2.26
C GLU B 7 -10.53 -8.55 -2.99
N ILE B 8 -9.44 -8.13 -2.32
CA ILE B 8 -8.43 -7.36 -3.05
C ILE B 8 -7.31 -8.27 -3.51
N TRP B 9 -6.74 -8.04 -4.71
CA TRP B 9 -5.61 -8.86 -5.19
C TRP B 9 -4.65 -7.95 -5.93
N PHE B 10 -3.36 -8.32 -6.01
CA PHE B 10 -2.36 -7.49 -6.69
C PHE B 10 -2.08 -6.27 -5.84
N ASP B 11 -2.38 -6.30 -4.52
CA ASP B 11 -2.10 -5.14 -3.69
C ASP B 11 -0.59 -4.96 -3.75
N GLY B 12 -0.05 -3.73 -3.85
CA GLY B 12 1.40 -3.59 -3.93
C GLY B 12 1.76 -3.15 -5.33
N VAL B 13 0.91 -3.47 -6.34
CA VAL B 13 1.16 -3.07 -7.74
C VAL B 13 -0.15 -2.66 -8.36
#